data_2Y06
#
_entry.id   2Y06
#
_cell.length_a   55.570
_cell.length_b   61.880
_cell.length_c   112.500
_cell.angle_alpha   90.00
_cell.angle_beta   90.55
_cell.angle_gamma   90.00
#
_symmetry.space_group_name_H-M   'C 1 2 1'
#
loop_
_entity.id
_entity.type
_entity.pdbx_description
1 polymer 'ANTI-NP MURINE GERMLINE MONOCLONAL ANTIBODY BBE6.12H3, HEAVY CHAIN'
2 polymer 'ANTI-NP MURINE GERMLINE MONOCLONAL ANTIBODY BBE6.12H3, LIGHT CHAIN'
3 polymer 'PHAGE DISPLAY DERIVED ANTIGEN'
4 water water
#
loop_
_entity_poly.entity_id
_entity_poly.type
_entity_poly.pdbx_seq_one_letter_code
_entity_poly.pdbx_strand_id
1 'polypeptide(L)'
;QVQLQQPGAELVKPGASVKLSCKASGYTFTSYWMHWVKQRPGRGLEWIGRIDPNSGGTAYNEKFKSKATLTVDKPSSTAY
MALSSLTSADSAVYYCARYDYYGGSYFDYWGQGTTLTVSSGGTTPPSVYPLAPGSAAQTNSMVTLGCLVKGYFPEPVTVT
WNSGSLSSGVHTFPAVLQSDLYTLSSSVTVPSSPWPSETVTCNVAHPASSTAVDKAIVPR
;
H
2 'polypeptide(L)'
;QAVVTQESALTTSPGETVTLTCRSSTGAVTTSNYANWVQEKPDHLFTGLIGGTNNRAPGVPARFSGSLIGDKAALTITGG
QTEDEAIYFCALWYSNHWVFGGGTKLTVLGQPKSSPSVTLFPPSSEELATNTATLVCTITDFYPGVVTVDWTVDGTPVTQ
GMETTQPSKQSNNKYMASSYLTLTAAAWERHSSYSCQVTHEGHTVEKSLSR
;
L
3 'polypeptide(L)' GDPRPSYISHLL P
#
# COMPACT_ATOMS: atom_id res chain seq x y z
N GLN A 1 0.36 -26.05 5.09
CA GLN A 1 0.32 -24.56 4.98
C GLN A 1 -1.09 -24.09 4.55
N VAL A 2 -1.72 -23.28 5.39
CA VAL A 2 -3.06 -22.77 5.10
C VAL A 2 -3.02 -21.62 4.11
N GLN A 3 -3.89 -21.67 3.11
CA GLN A 3 -3.93 -20.60 2.11
C GLN A 3 -5.33 -20.11 1.79
N LEU A 4 -5.44 -18.81 1.57
CA LEU A 4 -6.70 -18.19 1.17
C LEU A 4 -6.40 -17.42 -0.12
N GLN A 5 -6.82 -17.96 -1.24
CA GLN A 5 -6.56 -17.31 -2.52
C GLN A 5 -7.72 -16.44 -2.97
N GLN A 6 -7.41 -15.17 -3.25
CA GLN A 6 -8.40 -14.21 -3.73
C GLN A 6 -7.85 -13.59 -4.97
N PRO A 7 -8.75 -13.17 -5.88
CA PRO A 7 -8.38 -12.53 -7.14
C PRO A 7 -7.66 -11.23 -6.78
N GLY A 8 -6.78 -10.77 -7.66
CA GLY A 8 -6.00 -9.57 -7.37
C GLY A 8 -6.65 -8.24 -7.69
N ALA A 9 -7.15 -8.11 -8.92
CA ALA A 9 -7.78 -6.88 -9.32
C ALA A 9 -9.09 -7.13 -10.05
N GLU A 10 -10.09 -6.30 -9.77
CA GLU A 10 -11.38 -6.42 -10.43
C GLU A 10 -11.81 -5.03 -10.86
N LEU A 11 -12.28 -4.91 -12.10
CA LEU A 11 -12.71 -3.63 -12.63
C LEU A 11 -14.20 -3.72 -12.97
N VAL A 12 -15.00 -2.83 -12.41
CA VAL A 12 -16.44 -2.82 -12.67
C VAL A 12 -17.03 -1.42 -12.63
N LYS A 13 -18.08 -1.20 -13.42
CA LYS A 13 -18.70 0.12 -13.46
C LYS A 13 -19.67 0.44 -12.32
N PRO A 14 -19.72 1.71 -11.93
CA PRO A 14 -20.60 2.17 -10.85
C PRO A 14 -22.02 1.76 -11.19
N GLY A 15 -22.70 1.13 -10.23
CA GLY A 15 -24.08 0.71 -10.49
C GLY A 15 -24.28 -0.79 -10.67
N ALA A 16 -23.22 -1.50 -11.04
CA ALA A 16 -23.30 -2.94 -11.22
C ALA A 16 -22.96 -3.64 -9.90
N SER A 17 -22.89 -4.97 -9.93
CA SER A 17 -22.57 -5.74 -8.74
C SER A 17 -21.49 -6.78 -9.02
N VAL A 18 -20.61 -6.99 -8.04
CA VAL A 18 -19.52 -7.95 -8.17
C VAL A 18 -19.62 -9.04 -7.11
N LYS A 19 -19.02 -10.19 -7.39
CA LYS A 19 -19.02 -11.32 -6.46
C LYS A 19 -17.60 -11.82 -6.20
N LEU A 20 -16.90 -11.14 -5.30
CA LEU A 20 -15.53 -11.48 -4.93
C LEU A 20 -15.46 -12.87 -4.31
N SER A 21 -14.50 -13.69 -4.75
CA SER A 21 -14.34 -15.06 -4.22
C SER A 21 -13.16 -15.17 -3.25
N CYS A 22 -13.12 -16.26 -2.50
CA CYS A 22 -12.04 -16.52 -1.56
C CYS A 22 -11.93 -18.04 -1.36
N LYS A 23 -10.93 -18.64 -2.01
CA LYS A 23 -10.67 -20.08 -1.93
C LYS A 23 -9.89 -20.46 -0.67
N ALA A 24 -10.39 -21.44 0.06
CA ALA A 24 -9.75 -21.95 1.26
C ALA A 24 -9.06 -23.28 0.92
N SER A 25 -8.18 -23.75 1.79
CA SER A 25 -7.50 -25.02 1.53
C SER A 25 -6.47 -25.28 2.60
N GLY A 26 -6.31 -26.55 3.00
CA GLY A 26 -5.32 -26.87 3.99
C GLY A 26 -5.87 -27.14 5.37
N TYR A 27 -7.18 -27.00 5.52
CA TYR A 27 -7.82 -27.25 6.79
C TYR A 27 -9.27 -27.59 6.51
N THR A 28 -10.00 -28.01 7.54
CA THR A 28 -11.40 -28.34 7.39
C THR A 28 -12.17 -27.00 7.27
N PHE A 29 -12.55 -26.68 6.04
CA PHE A 29 -13.25 -25.43 5.69
C PHE A 29 -14.37 -24.96 6.62
N THR A 30 -15.08 -25.91 7.21
CA THR A 30 -16.21 -25.61 8.10
C THR A 30 -15.90 -25.54 9.61
N SER A 31 -14.63 -25.53 9.98
CA SER A 31 -14.29 -25.47 11.38
C SER A 31 -13.96 -24.04 11.80
N TYR A 32 -13.76 -23.14 10.85
CA TYR A 32 -13.43 -21.74 11.14
C TYR A 32 -14.32 -20.72 10.40
N TRP A 33 -14.64 -19.60 11.07
CA TRP A 33 -15.45 -18.55 10.47
C TRP A 33 -14.62 -17.77 9.45
N MET A 34 -15.30 -17.01 8.59
CA MET A 34 -14.65 -16.19 7.58
C MET A 34 -15.15 -14.77 7.74
N HIS A 35 -14.23 -13.81 7.72
CA HIS A 35 -14.57 -12.40 7.87
C HIS A 35 -14.12 -11.67 6.63
N TRP A 36 -14.70 -10.51 6.40
CA TRP A 36 -14.31 -9.70 5.26
C TRP A 36 -13.97 -8.31 5.78
N VAL A 37 -12.84 -7.79 5.33
CA VAL A 37 -12.39 -6.47 5.77
C VAL A 37 -12.25 -5.59 4.56
N LYS A 38 -12.50 -4.30 4.74
CA LYS A 38 -12.38 -3.37 3.63
C LYS A 38 -11.29 -2.38 4.00
N GLN A 39 -10.40 -2.12 3.05
CA GLN A 39 -9.30 -1.19 3.28
C GLN A 39 -9.19 -0.20 2.15
N ARG A 40 -9.17 1.07 2.51
CA ARG A 40 -9.02 2.15 1.55
C ARG A 40 -7.87 3.01 2.05
N PRO A 41 -7.09 3.61 1.13
CA PRO A 41 -5.97 4.46 1.59
C PRO A 41 -6.64 5.55 2.43
N GLY A 42 -6.05 5.92 3.55
CA GLY A 42 -6.71 6.87 4.41
C GLY A 42 -7.65 5.95 5.17
N ARG A 43 -8.19 6.37 6.31
CA ARG A 43 -9.06 5.48 7.11
C ARG A 43 -8.13 4.36 7.63
N GLY A 44 -8.45 3.12 7.30
CA GLY A 44 -7.64 2.00 7.74
C GLY A 44 -8.38 0.74 7.36
N LEU A 45 -8.71 -0.06 8.35
CA LEU A 45 -9.43 -1.29 8.09
C LEU A 45 -10.83 -1.22 8.70
N GLU A 46 -11.83 -1.58 7.91
CA GLU A 46 -13.21 -1.55 8.37
C GLU A 46 -13.82 -2.94 8.22
N TRP A 47 -14.40 -3.46 9.30
CA TRP A 47 -15.00 -4.79 9.32
C TRP A 47 -16.33 -4.85 8.56
N ILE A 48 -16.47 -5.79 7.64
CA ILE A 48 -17.70 -5.93 6.87
C ILE A 48 -18.64 -6.89 7.58
N GLY A 49 -18.12 -8.04 8.01
CA GLY A 49 -18.95 -9.02 8.70
C GLY A 49 -18.44 -10.44 8.52
N ARG A 50 -19.19 -11.43 8.98
CA ARG A 50 -18.74 -12.80 8.79
C ARG A 50 -19.84 -13.80 8.52
N ILE A 51 -19.40 -15.02 8.23
CA ILE A 51 -20.32 -16.11 7.97
C ILE A 51 -19.68 -17.35 8.57
N ASP A 52 -20.53 -18.29 8.99
CA ASP A 52 -20.03 -19.51 9.58
C ASP A 52 -20.31 -20.69 8.67
N PRO A 53 -19.30 -21.12 7.92
CA PRO A 53 -19.32 -22.23 6.97
C PRO A 53 -20.26 -23.36 7.35
N ASN A 54 -20.35 -23.67 8.65
CA ASN A 54 -21.23 -24.72 9.09
C ASN A 54 -22.68 -24.31 9.17
N SER A 55 -22.97 -23.30 9.99
CA SER A 55 -24.34 -22.85 10.17
C SER A 55 -24.90 -22.01 9.03
N GLY A 56 -24.05 -21.22 8.39
CA GLY A 56 -24.51 -20.34 7.33
C GLY A 56 -24.88 -19.01 7.99
N GLY A 57 -24.97 -19.05 9.30
CA GLY A 57 -25.31 -17.87 10.05
C GLY A 57 -24.29 -16.78 9.81
N THR A 58 -24.74 -15.54 9.81
CA THR A 58 -23.84 -14.42 9.58
C THR A 58 -24.16 -13.21 10.44
N ALA A 59 -23.16 -12.41 10.73
CA ALA A 59 -23.33 -11.20 11.53
C ALA A 59 -22.66 -10.11 10.71
N TYR A 60 -23.44 -9.12 10.29
CA TYR A 60 -22.99 -7.99 9.46
C TYR A 60 -22.73 -6.69 10.23
N ASN A 61 -21.95 -5.81 9.62
CA ASN A 61 -21.68 -4.53 10.23
C ASN A 61 -22.88 -3.70 9.82
N GLU A 62 -23.59 -3.13 10.79
CA GLU A 62 -24.78 -2.31 10.52
C GLU A 62 -24.62 -1.44 9.27
N LYS A 63 -23.41 -0.90 9.07
CA LYS A 63 -23.12 -0.04 7.94
C LYS A 63 -23.02 -0.75 6.60
N PHE A 64 -22.77 -2.06 6.60
CA PHE A 64 -22.64 -2.82 5.34
C PHE A 64 -23.76 -3.82 5.06
N LYS A 65 -24.76 -3.91 5.94
CA LYS A 65 -25.87 -4.86 5.78
C LYS A 65 -26.66 -4.77 4.46
N SER A 66 -26.90 -3.57 3.96
CA SER A 66 -27.62 -3.44 2.70
C SER A 66 -26.63 -3.34 1.53
N LYS A 67 -25.33 -3.49 1.85
CA LYS A 67 -24.27 -3.42 0.83
C LYS A 67 -23.63 -4.76 0.44
N ALA A 68 -23.36 -5.64 1.42
CA ALA A 68 -22.71 -6.92 1.12
C ALA A 68 -23.51 -8.16 1.46
N THR A 69 -23.24 -9.24 0.76
CA THR A 69 -23.94 -10.49 1.04
C THR A 69 -22.97 -11.67 1.05
N LEU A 70 -22.58 -12.11 2.24
CA LEU A 70 -21.64 -13.22 2.37
C LEU A 70 -22.29 -14.56 2.17
N THR A 71 -21.51 -15.51 1.69
CA THR A 71 -21.99 -16.85 1.48
C THR A 71 -20.80 -17.78 1.23
N VAL A 72 -21.03 -19.08 1.21
CA VAL A 72 -19.94 -20.01 0.98
C VAL A 72 -20.40 -21.21 0.18
N ASP A 73 -19.47 -21.81 -0.55
CA ASP A 73 -19.73 -23.01 -1.35
C ASP A 73 -18.89 -24.13 -0.72
N LYS A 74 -19.49 -24.91 0.17
CA LYS A 74 -18.80 -26.00 0.88
C LYS A 74 -17.97 -26.90 -0.03
N PRO A 75 -18.56 -27.40 -1.12
CA PRO A 75 -17.83 -28.29 -2.03
C PRO A 75 -16.44 -27.76 -2.39
N SER A 76 -16.41 -26.63 -3.08
CA SER A 76 -15.17 -25.99 -3.53
C SER A 76 -14.39 -25.22 -2.45
N SER A 77 -14.85 -25.31 -1.20
CA SER A 77 -14.20 -24.62 -0.09
C SER A 77 -13.97 -23.15 -0.40
N THR A 78 -14.99 -22.44 -0.89
CA THR A 78 -14.75 -21.04 -1.15
C THR A 78 -15.81 -20.14 -0.54
N ALA A 79 -15.39 -18.96 -0.13
CA ALA A 79 -16.25 -17.96 0.47
C ALA A 79 -16.42 -16.87 -0.57
N TYR A 80 -17.63 -16.35 -0.68
CA TYR A 80 -17.91 -15.30 -1.65
C TYR A 80 -18.43 -14.07 -0.94
N MET A 81 -18.52 -12.96 -1.67
CA MET A 81 -19.08 -11.71 -1.15
C MET A 81 -19.51 -10.78 -2.27
N ALA A 82 -20.82 -10.65 -2.48
CA ALA A 82 -21.37 -9.75 -3.52
C ALA A 82 -21.64 -8.39 -2.90
N LEU A 83 -21.17 -7.34 -3.59
CA LEU A 83 -21.39 -5.97 -3.13
C LEU A 83 -22.38 -5.41 -4.11
N SER A 84 -23.47 -4.85 -3.61
CA SER A 84 -24.52 -4.27 -4.45
C SER A 84 -24.44 -2.74 -4.62
N SER A 85 -25.02 -2.27 -5.72
CA SER A 85 -25.05 -0.85 -6.05
C SER A 85 -23.69 -0.24 -5.79
N LEU A 86 -22.73 -0.55 -6.67
CA LEU A 86 -21.35 -0.05 -6.53
C LEU A 86 -21.19 1.42 -6.81
N THR A 87 -20.30 2.05 -6.04
CA THR A 87 -20.03 3.48 -6.19
C THR A 87 -18.52 3.75 -6.16
N SER A 88 -18.16 5.02 -5.99
CA SER A 88 -16.76 5.44 -5.94
C SER A 88 -16.11 5.07 -4.62
N ALA A 89 -16.89 5.11 -3.54
CA ALA A 89 -16.39 4.79 -2.21
C ALA A 89 -16.13 3.30 -2.05
N ASP A 90 -16.81 2.48 -2.86
CA ASP A 90 -16.65 1.03 -2.81
C ASP A 90 -15.32 0.54 -3.40
N SER A 91 -14.57 1.46 -4.00
CA SER A 91 -13.28 1.13 -4.57
C SER A 91 -12.36 0.84 -3.39
N ALA A 92 -11.51 -0.17 -3.55
CA ALA A 92 -10.55 -0.52 -2.53
C ALA A 92 -10.21 -1.97 -2.58
N VAL A 93 -9.45 -2.37 -1.58
CA VAL A 93 -9.02 -3.73 -1.39
C VAL A 93 -9.90 -4.43 -0.39
N TYR A 94 -10.31 -5.64 -0.73
CA TYR A 94 -11.18 -6.42 0.13
C TYR A 94 -10.53 -7.74 0.48
N TYR A 95 -10.36 -7.98 1.78
CA TYR A 95 -9.72 -9.20 2.26
C TYR A 95 -10.70 -10.19 2.88
N CYS A 96 -10.32 -11.45 2.87
CA CYS A 96 -11.11 -12.46 3.53
C CYS A 96 -10.10 -13.01 4.51
N ALA A 97 -10.48 -13.07 5.79
CA ALA A 97 -9.61 -13.55 6.83
C ALA A 97 -10.30 -14.65 7.65
N ARG A 98 -9.61 -15.77 7.84
CA ARG A 98 -10.14 -16.91 8.57
C ARG A 98 -10.16 -16.61 10.06
N TYR A 99 -11.21 -17.03 10.75
CA TYR A 99 -11.34 -16.77 12.16
C TYR A 99 -11.22 -17.99 13.04
N ASP A 100 -10.52 -17.83 14.16
CA ASP A 100 -10.31 -18.94 15.10
C ASP A 100 -11.20 -18.86 16.35
N TYR A 101 -11.60 -20.04 16.84
CA TYR A 101 -12.45 -20.19 18.02
C TYR A 101 -11.74 -20.32 19.37
N TYR A 102 -12.54 -20.77 20.35
CA TYR A 102 -12.12 -21.06 21.72
C TYR A 102 -11.72 -19.91 22.65
N GLY A 103 -12.66 -19.53 23.52
CA GLY A 103 -12.41 -18.44 24.45
C GLY A 103 -12.26 -17.15 23.67
N GLY A 104 -12.96 -17.10 22.53
CA GLY A 104 -12.90 -15.93 21.67
C GLY A 104 -11.84 -16.13 20.61
N SER A 105 -10.59 -16.00 21.04
CA SER A 105 -9.43 -16.16 20.19
C SER A 105 -9.15 -15.17 19.05
N TYR A 106 -8.59 -15.69 17.95
CA TYR A 106 -8.11 -14.82 16.87
C TYR A 106 -8.45 -14.96 15.37
N PHE A 107 -7.73 -14.13 14.61
CA PHE A 107 -7.74 -13.93 13.17
C PHE A 107 -6.47 -14.37 12.53
N ASP A 108 -6.11 -15.66 12.48
CA ASP A 108 -4.77 -16.13 11.96
C ASP A 108 -4.25 -16.10 10.46
N TYR A 109 -5.03 -16.57 9.49
CA TYR A 109 -4.83 -16.45 8.05
C TYR A 109 -5.63 -15.42 7.29
N TRP A 110 -5.00 -14.86 6.30
CA TRP A 110 -5.61 -13.84 5.48
C TRP A 110 -5.42 -14.08 3.98
N GLY A 111 -6.32 -13.53 3.18
CA GLY A 111 -6.17 -13.68 1.76
C GLY A 111 -5.39 -12.45 1.37
N GLN A 112 -4.79 -12.44 0.19
CA GLN A 112 -4.01 -11.28 -0.24
C GLN A 112 -4.85 -10.05 -0.61
N GLY A 113 -6.17 -10.16 -0.50
CA GLY A 113 -7.03 -9.01 -0.81
C GLY A 113 -7.22 -8.72 -2.30
N THR A 114 -8.47 -8.52 -2.67
CA THR A 114 -8.81 -8.20 -4.05
C THR A 114 -8.99 -6.69 -4.09
N THR A 115 -8.35 -6.03 -5.06
CA THR A 115 -8.49 -4.60 -5.16
C THR A 115 -9.56 -4.30 -6.18
N LEU A 116 -10.68 -3.80 -5.67
CA LEU A 116 -11.82 -3.44 -6.47
C LEU A 116 -11.68 -1.99 -6.87
N THR A 117 -11.85 -1.71 -8.14
CA THR A 117 -11.78 -0.35 -8.62
C THR A 117 -13.11 -0.10 -9.30
N VAL A 118 -13.83 0.91 -8.82
CA VAL A 118 -15.14 1.26 -9.35
C VAL A 118 -15.11 2.56 -10.15
N SER A 119 -15.03 2.47 -11.47
CA SER A 119 -15.02 3.68 -12.27
C SER A 119 -15.57 3.44 -13.67
N SER A 120 -15.97 4.53 -14.32
CA SER A 120 -16.54 4.45 -15.66
C SER A 120 -15.71 5.22 -16.69
N GLY A 121 -14.39 5.13 -16.56
CA GLY A 121 -13.51 5.80 -17.49
C GLY A 121 -12.96 4.81 -18.49
N GLY A 122 -13.16 5.10 -19.77
CA GLY A 122 -12.69 4.20 -20.81
C GLY A 122 -11.18 4.05 -20.76
N THR A 123 -10.70 2.92 -21.25
CA THR A 123 -9.28 2.64 -21.28
C THR A 123 -8.56 3.81 -21.92
N THR A 124 -7.45 4.24 -21.31
CA THR A 124 -6.67 5.34 -21.87
C THR A 124 -5.21 4.91 -21.90
N PRO A 125 -4.57 4.97 -23.09
CA PRO A 125 -3.17 4.59 -23.27
C PRO A 125 -2.20 5.54 -22.58
N PRO A 126 -1.02 5.03 -22.21
CA PRO A 126 -0.04 5.88 -21.55
C PRO A 126 0.71 6.68 -22.59
N SER A 127 1.35 7.76 -22.15
CA SER A 127 2.15 8.58 -23.03
C SER A 127 3.53 8.47 -22.41
N VAL A 128 4.48 8.01 -23.20
CA VAL A 128 5.83 7.80 -22.71
C VAL A 128 6.81 8.89 -23.11
N TYR A 129 7.32 9.59 -22.11
CA TYR A 129 8.26 10.68 -22.31
C TYR A 129 9.62 10.29 -21.71
N PRO A 130 10.71 10.57 -22.41
CA PRO A 130 12.03 10.21 -21.90
C PRO A 130 12.54 11.22 -20.90
N LEU A 131 12.86 10.73 -19.70
CA LEU A 131 13.39 11.57 -18.64
C LEU A 131 14.89 11.58 -18.80
N ALA A 132 15.43 12.72 -19.22
CA ALA A 132 16.86 12.84 -19.41
C ALA A 132 17.49 13.92 -18.54
N PRO A 133 18.73 13.67 -18.11
CA PRO A 133 19.52 14.57 -17.26
C PRO A 133 19.72 15.93 -17.91
N GLY A 134 19.81 16.97 -17.07
CA GLY A 134 20.04 18.32 -17.58
C GLY A 134 21.51 18.47 -17.94
N SER A 135 21.86 17.99 -19.13
CA SER A 135 23.24 18.06 -19.62
C SER A 135 23.79 19.48 -19.56
N SER A 141 31.37 8.85 -10.42
CA SER A 141 30.38 9.41 -11.33
C SER A 141 29.53 8.34 -12.02
N MET A 142 28.24 8.63 -12.16
CA MET A 142 27.27 7.76 -12.81
C MET A 142 26.12 8.66 -13.29
N VAL A 143 25.38 8.20 -14.29
CA VAL A 143 24.27 8.98 -14.82
C VAL A 143 22.94 8.28 -14.61
N THR A 144 21.89 9.08 -14.45
CA THR A 144 20.54 8.54 -14.24
C THR A 144 19.58 8.98 -15.34
N LEU A 145 18.77 8.02 -15.80
CA LEU A 145 17.80 8.25 -16.86
C LEU A 145 16.46 7.68 -16.41
N GLY A 146 15.43 7.83 -17.24
CA GLY A 146 14.11 7.31 -16.87
C GLY A 146 13.00 7.54 -17.86
N CYS A 147 11.85 6.92 -17.63
CA CYS A 147 10.69 7.07 -18.49
C CYS A 147 9.47 7.54 -17.72
N LEU A 148 8.71 8.47 -18.31
CA LEU A 148 7.50 8.96 -17.68
C LEU A 148 6.32 8.32 -18.42
N VAL A 149 5.49 7.59 -17.69
CA VAL A 149 4.31 6.94 -18.26
C VAL A 149 3.15 7.78 -17.74
N LYS A 150 2.77 8.76 -18.54
CA LYS A 150 1.73 9.72 -18.18
C LYS A 150 0.28 9.41 -18.55
N GLY A 151 -0.62 9.72 -17.61
CA GLY A 151 -2.05 9.53 -17.81
C GLY A 151 -2.60 8.28 -18.50
N TYR A 152 -2.39 7.12 -17.89
CA TYR A 152 -2.91 5.87 -18.46
C TYR A 152 -4.02 5.35 -17.55
N PHE A 153 -4.83 4.42 -18.06
CA PHE A 153 -5.95 3.91 -17.30
C PHE A 153 -6.53 2.71 -18.03
N PRO A 154 -6.91 1.65 -17.28
CA PRO A 154 -6.80 1.54 -15.83
C PRO A 154 -5.54 0.74 -15.52
N GLU A 155 -5.22 0.60 -14.24
CA GLU A 155 -4.05 -0.16 -13.82
C GLU A 155 -4.12 -1.53 -14.48
N PRO A 156 -2.98 -2.16 -14.74
CA PRO A 156 -1.60 -1.70 -14.51
C PRO A 156 -0.66 -1.89 -15.69
N VAL A 157 0.44 -1.14 -15.67
CA VAL A 157 1.46 -1.14 -16.72
C VAL A 157 2.74 -1.92 -16.42
N THR A 158 3.49 -2.23 -17.48
CA THR A 158 4.72 -3.01 -17.39
C THR A 158 5.91 -2.25 -17.98
N VAL A 159 6.86 -1.87 -17.13
CA VAL A 159 8.02 -1.16 -17.62
C VAL A 159 9.30 -1.96 -17.43
N THR A 160 10.05 -2.15 -18.51
CA THR A 160 11.29 -2.89 -18.44
C THR A 160 12.34 -2.08 -19.22
N TRP A 161 13.61 -2.27 -18.90
CA TRP A 161 14.66 -1.54 -19.58
C TRP A 161 15.53 -2.45 -20.42
N ASN A 162 15.68 -2.06 -21.69
CA ASN A 162 16.45 -2.80 -22.67
C ASN A 162 16.04 -4.27 -22.80
N SER A 163 14.72 -4.51 -22.78
CA SER A 163 14.11 -5.84 -22.92
C SER A 163 14.30 -6.78 -21.72
N GLY A 164 15.28 -6.44 -20.88
CA GLY A 164 15.62 -7.23 -19.71
C GLY A 164 17.12 -7.12 -19.62
N SER A 165 17.66 -6.30 -20.52
CA SER A 165 19.09 -6.03 -20.63
C SER A 165 19.57 -5.05 -19.56
N LEU A 166 18.84 -4.98 -18.45
CA LEU A 166 19.20 -4.11 -17.35
C LEU A 166 18.60 -4.59 -16.03
N SER A 167 19.45 -5.16 -15.19
CA SER A 167 19.05 -5.66 -13.89
C SER A 167 18.73 -4.53 -12.92
N SER A 168 19.76 -3.77 -12.55
CA SER A 168 19.56 -2.67 -11.62
C SER A 168 20.14 -1.32 -12.04
N GLY A 169 19.70 -0.32 -11.31
CA GLY A 169 20.04 1.06 -11.58
C GLY A 169 18.61 1.44 -11.92
N VAL A 170 17.86 0.39 -12.24
CA VAL A 170 16.45 0.43 -12.60
C VAL A 170 15.64 0.60 -11.32
N HIS A 171 14.58 1.38 -11.40
CA HIS A 171 13.68 1.66 -10.28
C HIS A 171 12.30 1.97 -10.84
N THR A 172 11.31 1.17 -10.45
CA THR A 172 9.94 1.40 -10.91
C THR A 172 9.05 1.76 -9.73
N PHE A 173 8.62 3.03 -9.70
CA PHE A 173 7.78 3.54 -8.64
C PHE A 173 6.34 3.21 -8.93
N PRO A 174 5.49 3.21 -7.92
CA PRO A 174 4.09 2.90 -8.19
C PRO A 174 3.35 4.09 -8.75
N ALA A 175 2.16 3.82 -9.29
CA ALA A 175 1.33 4.84 -9.89
C ALA A 175 0.64 5.74 -8.88
N VAL A 176 0.45 6.98 -9.29
CA VAL A 176 -0.23 7.97 -8.47
C VAL A 176 -1.48 8.29 -9.27
N LEU A 177 -2.59 8.49 -8.58
CA LEU A 177 -3.84 8.80 -9.25
C LEU A 177 -4.14 10.28 -9.20
N GLN A 178 -3.92 10.98 -10.32
CA GLN A 178 -4.24 12.40 -10.38
C GLN A 178 -5.18 12.64 -11.55
N SER A 179 -6.37 13.17 -11.23
CA SER A 179 -7.37 13.44 -12.26
C SER A 179 -7.83 12.12 -12.89
N ASP A 180 -8.37 11.24 -12.06
CA ASP A 180 -8.85 9.93 -12.49
C ASP A 180 -8.02 9.39 -13.65
N LEU A 181 -6.71 9.29 -13.42
CA LEU A 181 -5.79 8.81 -14.44
C LEU A 181 -4.42 8.49 -13.79
N TYR A 182 -3.91 7.29 -14.03
CA TYR A 182 -2.64 6.86 -13.45
C TYR A 182 -1.37 7.34 -14.17
N THR A 183 -0.30 7.46 -13.40
CA THR A 183 1.02 7.90 -13.87
C THR A 183 2.09 7.23 -13.00
N LEU A 184 3.18 6.82 -13.62
CA LEU A 184 4.27 6.19 -12.90
C LEU A 184 5.53 6.39 -13.74
N SER A 185 6.69 6.13 -13.16
CA SER A 185 7.91 6.27 -13.93
C SER A 185 8.90 5.23 -13.45
N SER A 186 9.95 5.03 -14.21
CA SER A 186 10.99 4.06 -13.86
C SER A 186 12.33 4.73 -14.17
N SER A 187 13.32 4.44 -13.33
CA SER A 187 14.65 5.03 -13.46
C SER A 187 15.73 3.96 -13.52
N VAL A 188 16.70 4.13 -14.41
CA VAL A 188 17.81 3.19 -14.54
C VAL A 188 19.12 3.98 -14.48
N THR A 189 19.87 3.81 -13.40
CA THR A 189 21.14 4.53 -13.25
C THR A 189 22.27 3.70 -13.83
N VAL A 190 22.90 4.24 -14.86
CA VAL A 190 23.98 3.57 -15.54
C VAL A 190 25.30 4.29 -15.32
N PRO A 191 26.41 3.59 -15.59
CA PRO A 191 27.77 4.14 -15.45
C PRO A 191 27.86 5.32 -16.40
N SER A 192 28.65 6.33 -16.08
CA SER A 192 28.73 7.49 -16.96
C SER A 192 29.26 7.07 -18.33
N SER A 193 29.78 5.85 -18.39
CA SER A 193 30.39 5.29 -19.60
C SER A 193 29.48 5.07 -20.83
N PRO A 194 28.55 4.08 -20.75
CA PRO A 194 27.59 3.61 -21.74
C PRO A 194 26.78 4.69 -22.38
N TRP A 195 26.11 5.45 -21.54
CA TRP A 195 25.32 6.54 -22.01
C TRP A 195 26.23 7.73 -22.03
N PRO A 196 26.19 8.56 -23.09
CA PRO A 196 25.35 8.48 -24.31
C PRO A 196 25.89 7.42 -25.25
N SER A 197 27.15 7.05 -24.99
CA SER A 197 27.93 6.07 -25.76
C SER A 197 27.07 5.02 -26.45
N GLU A 198 26.22 4.39 -25.67
CA GLU A 198 25.35 3.32 -26.14
C GLU A 198 23.98 3.78 -25.68
N THR A 199 23.02 2.88 -25.48
CA THR A 199 21.75 3.41 -25.02
C THR A 199 20.81 2.45 -24.30
N VAL A 200 19.91 3.09 -23.57
CA VAL A 200 18.92 2.42 -22.78
C VAL A 200 17.58 2.63 -23.46
N THR A 201 16.70 1.66 -23.29
CA THR A 201 15.36 1.71 -23.89
C THR A 201 14.33 1.14 -22.94
N CYS A 202 13.37 1.95 -22.54
CA CYS A 202 12.35 1.44 -21.63
C CYS A 202 11.23 0.83 -22.45
N ASN A 203 10.66 -0.24 -21.92
CA ASN A 203 9.58 -0.93 -22.59
C ASN A 203 8.32 -0.74 -21.76
N VAL A 204 7.39 0.03 -22.31
CA VAL A 204 6.14 0.29 -21.62
C VAL A 204 5.06 -0.53 -22.31
N ALA A 205 4.21 -1.17 -21.53
CA ALA A 205 3.13 -1.97 -22.07
C ALA A 205 1.84 -1.61 -21.33
N HIS A 206 0.70 -1.78 -21.99
CA HIS A 206 -0.56 -1.47 -21.35
C HIS A 206 -1.64 -2.43 -21.87
N PRO A 207 -1.93 -3.49 -21.09
CA PRO A 207 -2.93 -4.49 -21.46
C PRO A 207 -4.32 -3.95 -21.77
N ALA A 208 -4.85 -3.12 -20.87
CA ALA A 208 -6.19 -2.54 -21.06
C ALA A 208 -6.28 -1.70 -22.33
N SER A 209 -5.14 -1.51 -22.99
CA SER A 209 -5.07 -0.70 -24.21
C SER A 209 -4.29 -1.37 -25.36
N SER A 210 -3.82 -2.59 -25.16
CA SER A 210 -3.10 -3.28 -26.22
C SER A 210 -2.01 -2.37 -26.82
N THR A 211 -1.45 -1.49 -26.00
CA THR A 211 -0.40 -0.58 -26.45
C THR A 211 0.98 -1.03 -25.92
N ALA A 212 2.02 -0.79 -26.71
CA ALA A 212 3.39 -1.18 -26.31
C ALA A 212 4.42 -0.23 -26.90
N VAL A 213 4.76 0.82 -26.16
CA VAL A 213 5.73 1.82 -26.60
C VAL A 213 7.15 1.58 -26.14
N ASP A 214 8.11 1.78 -27.03
CA ASP A 214 9.51 1.61 -26.71
C ASP A 214 10.18 2.96 -26.99
N LYS A 215 10.78 3.54 -25.96
CA LYS A 215 11.43 4.84 -26.13
C LYS A 215 12.90 4.82 -25.69
N ALA A 216 13.79 5.12 -26.62
CA ALA A 216 15.22 5.17 -26.33
C ALA A 216 15.50 6.61 -25.93
N ILE A 217 16.51 6.81 -25.11
CA ILE A 217 16.84 8.14 -24.60
C ILE A 217 18.07 8.87 -25.15
N VAL A 218 17.84 10.12 -25.53
CA VAL A 218 18.86 11.01 -26.07
C VAL A 218 18.87 12.21 -25.11
N PRO A 219 20.06 12.64 -24.66
CA PRO A 219 20.29 13.75 -23.71
C PRO A 219 19.60 15.08 -23.85
N ARG A 220 19.73 15.72 -25.00
CA ARG A 220 19.11 17.03 -25.23
C ARG A 220 17.92 17.31 -24.31
N GLN B 1 -18.17 5.37 15.94
CA GLN B 1 -18.70 4.64 17.13
C GLN B 1 -17.67 4.61 18.26
N ALA B 2 -16.64 3.79 18.10
CA ALA B 2 -15.60 3.66 19.11
C ALA B 2 -14.21 3.73 18.48
N VAL B 3 -13.91 4.84 17.80
CA VAL B 3 -12.61 5.03 17.16
C VAL B 3 -11.53 4.38 18.02
N VAL B 4 -10.63 3.64 17.38
CA VAL B 4 -9.55 2.99 18.09
C VAL B 4 -8.24 3.59 17.62
N THR B 5 -7.40 4.00 18.54
CA THR B 5 -6.13 4.58 18.14
C THR B 5 -4.90 3.84 18.65
N GLN B 6 -3.86 3.87 17.82
CA GLN B 6 -2.58 3.25 18.09
C GLN B 6 -1.57 4.33 17.77
N GLU B 7 -0.29 4.05 17.95
CA GLU B 7 0.75 5.03 17.67
C GLU B 7 0.94 5.14 16.16
N SER B 8 1.27 6.34 15.71
CA SER B 8 1.52 6.59 14.29
C SER B 8 2.59 5.61 13.83
N ALA B 9 3.80 5.83 14.35
CA ALA B 9 4.96 4.99 14.06
C ALA B 9 5.86 4.91 15.31
N LEU B 10 6.72 3.89 15.33
CA LEU B 10 7.65 3.63 16.43
C LEU B 10 8.95 3.10 15.87
N THR B 11 10.08 3.45 16.46
CA THR B 11 11.33 2.95 15.96
C THR B 11 12.15 2.20 16.98
N THR B 12 12.53 0.97 16.64
CA THR B 12 13.35 0.14 17.52
C THR B 12 14.46 -0.54 16.75
N SER B 13 15.40 -1.12 17.50
CA SER B 13 16.54 -1.80 16.89
C SER B 13 16.43 -3.29 17.08
N PRO B 14 17.27 -4.06 16.37
CA PRO B 14 17.23 -5.52 16.49
C PRO B 14 17.72 -5.88 17.88
N GLY B 15 17.04 -6.82 18.53
CA GLY B 15 17.47 -7.24 19.85
C GLY B 15 16.74 -6.61 21.02
N GLU B 16 16.14 -5.45 20.84
CA GLU B 16 15.43 -4.81 21.93
C GLU B 16 13.94 -5.11 21.92
N THR B 17 13.25 -4.59 22.93
CA THR B 17 11.81 -4.78 23.07
C THR B 17 11.07 -3.50 22.71
N VAL B 18 10.02 -3.62 21.90
CA VAL B 18 9.21 -2.47 21.55
C VAL B 18 7.78 -2.82 21.92
N THR B 19 7.02 -1.85 22.44
CA THR B 19 5.64 -2.12 22.82
C THR B 19 4.67 -1.24 22.06
N LEU B 20 3.57 -1.83 21.60
CA LEU B 20 2.55 -1.09 20.86
C LEU B 20 1.24 -1.08 21.65
N THR B 21 0.59 0.07 21.70
CA THR B 21 -0.64 0.19 22.45
C THR B 21 -1.85 0.41 21.57
N CYS B 22 -3.03 0.36 22.18
CA CYS B 22 -4.30 0.50 21.47
C CYS B 22 -5.38 1.20 22.33
N ARG B 23 -5.84 2.37 21.88
CA ARG B 23 -6.85 3.16 22.61
C ARG B 23 -8.32 2.96 22.22
N SER B 24 -9.17 2.75 23.23
CA SER B 24 -10.62 2.57 23.01
C SER B 24 -11.40 3.80 23.50
N SER B 25 -11.97 4.56 22.56
CA SER B 25 -12.73 5.77 22.87
C SER B 25 -13.92 5.59 23.83
N THR B 26 -14.41 4.37 23.97
CA THR B 26 -15.55 4.08 24.86
C THR B 26 -15.07 3.99 26.29
N GLY B 27 -13.77 4.13 26.49
CA GLY B 27 -13.23 4.07 27.82
C GLY B 27 -11.95 3.29 27.89
N ALA B 28 -12.04 2.07 28.40
CA ALA B 28 -10.87 1.25 28.55
C ALA B 28 -11.00 0.00 27.71
N VAL B 29 -9.86 -0.60 27.39
CA VAL B 29 -9.85 -1.83 26.64
C VAL B 29 -9.92 -2.86 27.75
N THR B 30 -10.83 -3.83 27.62
CA THR B 30 -10.97 -4.84 28.65
C THR B 30 -10.93 -6.24 28.04
N THR B 31 -10.74 -7.26 28.88
CA THR B 31 -10.68 -8.63 28.39
C THR B 31 -11.87 -9.00 27.52
N SER B 32 -12.92 -8.19 27.57
CA SER B 32 -14.14 -8.43 26.80
C SER B 32 -14.10 -7.88 25.37
N ASN B 33 -13.04 -7.17 25.02
CA ASN B 33 -12.90 -6.61 23.66
C ASN B 33 -12.19 -7.63 22.78
N TYR B 34 -11.56 -8.61 23.41
CA TYR B 34 -10.82 -9.64 22.71
C TYR B 34 -9.80 -9.05 21.76
N ALA B 35 -9.01 -8.10 22.24
CA ALA B 35 -8.01 -7.45 21.41
C ALA B 35 -7.37 -8.44 20.46
N ASN B 36 -7.15 -7.98 19.23
CA ASN B 36 -6.54 -8.78 18.17
C ASN B 36 -5.47 -7.92 17.49
N TRP B 37 -4.29 -8.49 17.26
CA TRP B 37 -3.22 -7.77 16.57
C TRP B 37 -2.95 -8.48 15.26
N VAL B 38 -2.76 -7.70 14.19
CA VAL B 38 -2.52 -8.25 12.87
C VAL B 38 -1.36 -7.48 12.23
N GLN B 39 -0.44 -8.20 11.56
CA GLN B 39 0.72 -7.58 10.92
C GLN B 39 0.49 -7.42 9.44
N GLU B 40 1.03 -6.35 8.85
CA GLU B 40 0.88 -6.12 7.41
C GLU B 40 2.24 -5.94 6.75
N LYS B 41 2.83 -7.03 6.24
CA LYS B 41 4.11 -6.90 5.55
C LYS B 41 3.79 -6.48 4.11
N PRO B 42 4.62 -5.58 3.54
CA PRO B 42 4.47 -5.03 2.17
C PRO B 42 3.78 -5.90 1.13
N ASP B 43 3.04 -5.22 0.26
CA ASP B 43 2.27 -5.84 -0.83
C ASP B 43 1.07 -6.64 -0.30
N HIS B 44 0.36 -6.03 0.65
CA HIS B 44 -0.82 -6.62 1.28
C HIS B 44 -0.63 -8.04 1.79
N LEU B 45 0.39 -8.24 2.63
CA LEU B 45 0.63 -9.56 3.19
C LEU B 45 0.19 -9.43 4.66
N PHE B 46 -0.97 -9.98 4.99
CA PHE B 46 -1.52 -9.91 6.34
C PHE B 46 -1.43 -11.22 7.11
N THR B 47 -1.09 -11.11 8.39
CA THR B 47 -0.98 -12.28 9.25
C THR B 47 -1.43 -11.90 10.65
N GLY B 48 -2.30 -12.73 11.23
CA GLY B 48 -2.74 -12.45 12.58
C GLY B 48 -1.64 -12.98 13.47
N LEU B 49 -1.39 -12.30 14.60
CA LEU B 49 -0.34 -12.70 15.54
C LEU B 49 -0.96 -13.00 16.89
N ILE B 50 -1.82 -12.09 17.32
CA ILE B 50 -2.50 -12.21 18.59
C ILE B 50 -4.00 -11.97 18.47
N GLY B 51 -4.74 -12.78 19.20
CA GLY B 51 -6.18 -12.66 19.24
C GLY B 51 -6.63 -12.85 20.67
N GLY B 52 -7.70 -12.12 21.04
CA GLY B 52 -8.21 -12.22 22.40
C GLY B 52 -7.24 -11.74 23.46
N THR B 53 -6.76 -10.51 23.28
CA THR B 53 -5.82 -9.86 24.17
C THR B 53 -4.46 -10.56 24.30
N ASN B 54 -4.44 -11.88 24.43
CA ASN B 54 -3.15 -12.55 24.57
C ASN B 54 -2.95 -13.94 23.95
N ASN B 55 -3.89 -14.44 23.17
CA ASN B 55 -3.65 -15.75 22.56
C ASN B 55 -2.80 -15.61 21.30
N ARG B 56 -1.65 -16.26 21.30
CA ARG B 56 -0.73 -16.21 20.17
C ARG B 56 -1.16 -17.16 19.06
N ALA B 57 -1.14 -16.66 17.83
CA ALA B 57 -1.50 -17.45 16.67
C ALA B 57 -0.52 -18.59 16.47
N PRO B 58 -1.00 -19.72 15.94
CA PRO B 58 -0.22 -20.93 15.69
C PRO B 58 0.82 -20.70 14.59
N GLY B 59 2.08 -20.98 14.90
CA GLY B 59 3.12 -20.77 13.91
C GLY B 59 3.72 -19.40 14.10
N VAL B 60 3.19 -18.63 15.06
CA VAL B 60 3.69 -17.30 15.35
C VAL B 60 4.89 -17.36 16.29
N PRO B 61 5.99 -16.68 15.92
CA PRO B 61 7.22 -16.64 16.70
C PRO B 61 6.93 -16.31 18.15
N ALA B 62 7.64 -16.98 19.06
CA ALA B 62 7.46 -16.79 20.48
C ALA B 62 7.63 -15.35 20.93
N ARG B 63 8.52 -14.60 20.28
CA ARG B 63 8.75 -13.23 20.72
C ARG B 63 7.52 -12.31 20.70
N PHE B 64 6.41 -12.80 20.16
CA PHE B 64 5.20 -12.00 20.12
C PHE B 64 4.27 -12.34 21.30
N SER B 65 3.72 -11.31 21.93
CA SER B 65 2.81 -11.51 23.04
C SER B 65 1.89 -10.32 23.19
N GLY B 66 0.69 -10.58 23.67
CA GLY B 66 -0.29 -9.54 23.86
C GLY B 66 -0.67 -9.47 25.32
N SER B 67 -1.19 -8.31 25.73
CA SER B 67 -1.58 -8.13 27.11
C SER B 67 -2.36 -6.85 27.25
N LEU B 68 -2.59 -6.48 28.51
CA LEU B 68 -3.29 -5.24 28.86
C LEU B 68 -2.32 -4.43 29.72
N ILE B 69 -2.12 -3.18 29.33
CA ILE B 69 -1.22 -2.29 30.05
C ILE B 69 -2.03 -1.06 30.43
N GLY B 70 -2.67 -1.15 31.60
CA GLY B 70 -3.52 -0.08 32.10
C GLY B 70 -4.92 -0.25 31.54
N ASP B 71 -5.39 0.78 30.84
CA ASP B 71 -6.72 0.74 30.23
C ASP B 71 -6.54 0.65 28.72
N LYS B 72 -5.42 0.06 28.32
CA LYS B 72 -5.06 -0.15 26.91
C LYS B 72 -4.73 -1.64 26.62
N ALA B 73 -4.66 -1.97 25.33
CA ALA B 73 -4.30 -3.32 24.93
C ALA B 73 -2.96 -3.08 24.27
N ALA B 74 -2.02 -4.01 24.45
CA ALA B 74 -0.69 -3.83 23.87
C ALA B 74 -0.06 -5.09 23.33
N LEU B 75 0.80 -4.89 22.33
CA LEU B 75 1.52 -5.97 21.68
C LEU B 75 2.98 -5.73 21.99
N THR B 76 3.61 -6.67 22.68
CA THR B 76 5.01 -6.54 23.02
C THR B 76 5.81 -7.44 22.09
N ILE B 77 6.96 -6.94 21.64
CA ILE B 77 7.83 -7.72 20.79
C ILE B 77 9.20 -7.67 21.46
N THR B 78 9.57 -8.76 22.11
CA THR B 78 10.87 -8.83 22.76
C THR B 78 11.83 -9.39 21.71
N GLY B 79 13.03 -8.84 21.62
CA GLY B 79 13.97 -9.34 20.63
C GLY B 79 13.50 -9.11 19.21
N GLY B 80 13.31 -7.84 18.86
CA GLY B 80 12.84 -7.50 17.52
C GLY B 80 13.79 -7.98 16.44
N GLN B 81 13.21 -8.55 15.38
CA GLN B 81 13.98 -9.03 14.23
C GLN B 81 13.86 -8.02 13.09
N THR B 82 14.71 -8.15 12.08
CA THR B 82 14.67 -7.24 10.93
C THR B 82 13.34 -7.36 10.21
N GLU B 83 12.92 -8.59 9.92
CA GLU B 83 11.66 -8.83 9.23
C GLU B 83 10.41 -8.29 9.97
N ASP B 84 10.58 -7.94 11.24
CA ASP B 84 9.48 -7.42 12.06
C ASP B 84 9.07 -6.01 11.66
N GLU B 85 9.87 -5.39 10.82
CA GLU B 85 9.54 -4.05 10.35
C GLU B 85 8.35 -4.24 9.41
N ALA B 86 7.22 -3.69 9.80
CA ALA B 86 6.00 -3.81 9.01
C ALA B 86 4.97 -2.90 9.65
N ILE B 87 3.69 -3.07 9.30
CA ILE B 87 2.62 -2.27 9.90
C ILE B 87 1.77 -3.15 10.82
N TYR B 88 1.52 -2.68 12.05
CA TYR B 88 0.72 -3.45 13.00
C TYR B 88 -0.66 -2.87 13.26
N PHE B 89 -1.67 -3.72 13.16
CA PHE B 89 -3.05 -3.31 13.36
C PHE B 89 -3.71 -3.91 14.60
N CYS B 90 -4.48 -3.08 15.28
CA CYS B 90 -5.21 -3.45 16.49
C CYS B 90 -6.70 -3.66 16.21
N ALA B 91 -7.25 -4.78 16.69
CA ALA B 91 -8.65 -5.07 16.46
C ALA B 91 -9.38 -5.14 17.78
N LEU B 92 -10.48 -4.39 17.89
CA LEU B 92 -11.29 -4.38 19.11
C LEU B 92 -12.72 -4.83 18.79
N TRP B 93 -13.28 -5.66 19.68
CA TRP B 93 -14.62 -6.16 19.50
C TRP B 93 -15.58 -5.38 20.39
N TYR B 94 -16.70 -4.93 19.81
CA TYR B 94 -17.70 -4.18 20.55
C TYR B 94 -19.13 -4.72 20.41
N SER B 95 -19.46 -5.71 21.25
CA SER B 95 -20.78 -6.31 21.29
C SER B 95 -21.21 -7.06 20.03
N ASN B 96 -20.95 -6.47 18.86
CA ASN B 96 -21.31 -7.14 17.62
C ASN B 96 -20.58 -6.68 16.34
N HIS B 97 -19.46 -5.98 16.48
CA HIS B 97 -18.71 -5.58 15.29
C HIS B 97 -17.22 -5.33 15.59
N TRP B 98 -16.36 -5.44 14.58
CA TRP B 98 -14.95 -5.22 14.78
C TRP B 98 -14.48 -3.84 14.34
N VAL B 99 -13.73 -3.17 15.22
CA VAL B 99 -13.16 -1.86 14.90
C VAL B 99 -11.64 -1.93 15.03
N PHE B 100 -10.96 -1.61 13.95
CA PHE B 100 -9.50 -1.63 13.92
C PHE B 100 -9.01 -0.27 14.37
N GLY B 101 -7.68 -0.13 14.45
CA GLY B 101 -7.10 1.14 14.82
C GLY B 101 -6.56 1.64 13.49
N GLY B 102 -5.69 2.63 13.50
CA GLY B 102 -5.15 3.12 12.23
C GLY B 102 -3.91 2.34 11.84
N GLY B 103 -3.42 1.55 12.78
CA GLY B 103 -2.23 0.76 12.55
C GLY B 103 -0.99 1.54 12.97
N THR B 104 0.05 0.81 13.36
CA THR B 104 1.30 1.44 13.77
C THR B 104 2.42 1.04 12.83
N LYS B 105 3.14 2.02 12.30
CA LYS B 105 4.26 1.77 11.40
C LYS B 105 5.52 1.53 12.21
N LEU B 106 5.84 0.24 12.40
CA LEU B 106 7.03 -0.18 13.16
C LEU B 106 8.32 -0.28 12.34
N THR B 107 9.39 0.28 12.89
CA THR B 107 10.66 0.24 12.21
C THR B 107 11.69 -0.44 13.07
N VAL B 108 12.32 -1.48 12.52
CA VAL B 108 13.38 -2.21 13.21
C VAL B 108 14.61 -1.89 12.37
N LEU B 109 15.53 -1.10 12.92
CA LEU B 109 16.71 -0.70 12.17
C LEU B 109 17.67 -1.86 11.85
N GLY B 110 17.25 -2.72 10.92
CA GLY B 110 18.07 -3.85 10.50
C GLY B 110 19.13 -3.54 9.45
N GLN B 111 19.58 -2.29 9.42
CA GLN B 111 20.60 -1.81 8.50
C GLN B 111 20.93 -0.34 8.79
N PRO B 112 21.98 0.22 8.17
CA PRO B 112 22.34 1.62 8.41
C PRO B 112 21.48 2.67 7.74
N LYS B 113 21.34 3.82 8.38
CA LYS B 113 20.56 4.92 7.81
C LYS B 113 21.26 5.38 6.54
N SER B 114 20.49 5.94 5.62
CA SER B 114 21.09 6.47 4.39
C SER B 114 20.22 7.57 3.79
N SER B 115 20.79 8.77 3.64
CA SER B 115 20.05 9.87 3.07
C SER B 115 19.64 9.50 1.66
N PRO B 116 18.55 10.08 1.17
CA PRO B 116 18.05 9.79 -0.17
C PRO B 116 18.89 10.27 -1.35
N SER B 117 18.87 9.49 -2.42
CA SER B 117 19.57 9.83 -3.64
C SER B 117 18.50 10.52 -4.47
N VAL B 118 18.52 11.85 -4.50
CA VAL B 118 17.52 12.62 -5.25
C VAL B 118 17.95 12.96 -6.66
N THR B 119 16.99 12.97 -7.58
CA THR B 119 17.26 13.29 -8.98
C THR B 119 16.11 14.10 -9.58
N LEU B 120 16.40 15.31 -10.07
CA LEU B 120 15.37 16.15 -10.68
C LEU B 120 15.44 16.16 -12.21
N PHE B 121 14.40 15.62 -12.83
CA PHE B 121 14.30 15.55 -14.28
C PHE B 121 13.35 16.65 -14.72
N PRO B 122 13.75 17.43 -15.74
CA PRO B 122 12.94 18.52 -16.28
C PRO B 122 11.94 17.96 -17.27
N PRO B 123 10.88 18.74 -17.61
CA PRO B 123 9.90 18.24 -18.56
C PRO B 123 10.62 17.95 -19.85
N SER B 124 10.25 16.86 -20.50
CA SER B 124 10.87 16.50 -21.77
C SER B 124 10.15 17.32 -22.85
N SER B 125 10.84 17.62 -23.94
CA SER B 125 10.20 18.40 -25.00
C SER B 125 8.99 17.71 -25.68
N GLU B 126 8.97 16.38 -25.75
CA GLU B 126 7.83 15.70 -26.39
C GLU B 126 6.53 15.98 -25.67
N GLU B 127 6.62 16.13 -24.35
CA GLU B 127 5.47 16.43 -23.51
C GLU B 127 5.17 17.93 -23.63
N LEU B 128 6.24 18.73 -23.57
CA LEU B 128 6.14 20.19 -23.68
C LEU B 128 5.40 20.63 -24.94
N ALA B 129 5.14 19.70 -25.85
CA ALA B 129 4.45 19.98 -27.11
C ALA B 129 2.97 19.63 -27.01
N THR B 130 2.57 18.99 -25.91
CA THR B 130 1.18 18.63 -25.72
C THR B 130 0.53 19.78 -24.96
N ASN B 131 1.32 20.82 -24.75
CA ASN B 131 0.90 22.02 -24.02
C ASN B 131 0.80 21.73 -22.52
N THR B 132 1.82 21.05 -21.99
CA THR B 132 1.82 20.74 -20.58
C THR B 132 3.20 20.19 -20.20
N ALA B 133 3.65 20.51 -18.99
CA ALA B 133 4.95 20.08 -18.52
C ALA B 133 4.83 19.32 -17.22
N THR B 134 5.89 18.57 -16.91
CA THR B 134 5.94 17.77 -15.68
C THR B 134 7.38 17.58 -15.24
N LEU B 135 7.66 17.91 -13.98
CA LEU B 135 8.98 17.73 -13.42
C LEU B 135 8.86 16.39 -12.70
N VAL B 136 9.95 15.62 -12.65
CA VAL B 136 9.91 14.33 -11.99
C VAL B 136 11.08 14.23 -11.04
N CYS B 137 10.78 14.11 -9.75
CA CYS B 137 11.80 13.99 -8.70
C CYS B 137 11.87 12.54 -8.18
N THR B 138 12.89 11.79 -8.57
CA THR B 138 13.07 10.38 -8.15
C THR B 138 13.90 10.26 -6.88
N ILE B 139 13.39 9.51 -5.92
CA ILE B 139 14.05 9.33 -4.63
C ILE B 139 14.30 7.85 -4.33
N THR B 140 15.58 7.49 -4.11
CA THR B 140 15.98 6.11 -3.82
C THR B 140 17.04 5.97 -2.70
N ASP B 141 17.30 4.72 -2.34
CA ASP B 141 18.29 4.35 -1.33
C ASP B 141 18.23 5.00 0.03
N PHE B 142 17.04 5.36 0.49
CA PHE B 142 16.94 5.97 1.82
C PHE B 142 16.37 5.01 2.83
N TYR B 143 16.72 5.24 4.10
CA TYR B 143 16.30 4.40 5.21
C TYR B 143 16.46 5.18 6.52
N PRO B 144 15.46 5.13 7.42
CA PRO B 144 14.18 4.41 7.32
C PRO B 144 13.32 4.89 6.15
N GLY B 145 12.23 4.16 5.92
CA GLY B 145 11.35 4.45 4.81
C GLY B 145 10.49 5.71 4.72
N VAL B 146 10.64 6.71 5.59
CA VAL B 146 9.77 7.89 5.42
C VAL B 146 10.48 9.20 5.01
N VAL B 147 9.95 9.84 3.96
CA VAL B 147 10.51 11.09 3.46
C VAL B 147 9.35 12.07 3.22
N THR B 148 9.65 13.35 3.35
CA THR B 148 8.66 14.40 3.16
C THR B 148 9.13 15.26 2.00
N VAL B 149 8.37 15.30 0.92
CA VAL B 149 8.79 16.09 -0.24
C VAL B 149 8.27 17.52 -0.37
N ASP B 150 9.10 18.40 -0.93
CA ASP B 150 8.75 19.80 -1.13
C ASP B 150 9.15 20.40 -2.48
N TRP B 151 8.17 20.95 -3.18
CA TRP B 151 8.41 21.58 -4.46
C TRP B 151 8.44 23.10 -4.30
N THR B 152 9.26 23.76 -5.10
CA THR B 152 9.37 25.21 -5.06
C THR B 152 9.60 25.73 -6.48
N VAL B 153 8.90 26.81 -6.81
CA VAL B 153 9.01 27.45 -8.10
C VAL B 153 9.54 28.84 -7.81
N ASP B 154 10.68 29.19 -8.40
CA ASP B 154 11.26 30.51 -8.17
C ASP B 154 11.49 30.73 -6.67
N GLY B 155 11.89 29.67 -5.97
CA GLY B 155 12.16 29.78 -4.54
C GLY B 155 10.94 29.88 -3.64
N THR B 156 9.76 29.87 -4.26
CA THR B 156 8.51 29.96 -3.53
C THR B 156 7.85 28.58 -3.44
N PRO B 157 7.45 28.17 -2.22
CA PRO B 157 6.80 26.87 -2.08
C PRO B 157 5.61 26.73 -3.04
N VAL B 158 5.54 25.63 -3.77
CA VAL B 158 4.40 25.39 -4.66
C VAL B 158 3.67 24.16 -4.19
N THR B 159 2.37 24.29 -4.00
CA THR B 159 1.53 23.21 -3.48
C THR B 159 0.78 22.36 -4.50
N GLN B 160 0.12 23.03 -5.44
CA GLN B 160 -0.69 22.36 -6.42
C GLN B 160 -0.10 21.63 -7.62
N GLY B 161 -0.77 20.57 -8.02
CA GLY B 161 -0.30 19.77 -9.14
C GLY B 161 0.92 19.04 -8.66
N MET B 162 0.84 18.60 -7.41
CA MET B 162 1.94 17.91 -6.78
C MET B 162 1.43 16.53 -6.41
N GLU B 163 2.24 15.50 -6.66
CA GLU B 163 1.87 14.12 -6.36
C GLU B 163 3.06 13.36 -5.80
N THR B 164 2.90 12.75 -4.62
CA THR B 164 4.00 12.00 -4.02
C THR B 164 3.65 10.53 -3.73
N THR B 165 4.37 9.60 -4.36
CA THR B 165 4.09 8.19 -4.14
C THR B 165 4.47 7.82 -2.73
N GLN B 166 3.92 6.71 -2.25
CA GLN B 166 4.24 6.21 -0.92
C GLN B 166 5.59 5.52 -1.07
N PRO B 167 6.46 5.63 -0.07
CA PRO B 167 7.78 4.99 -0.13
C PRO B 167 7.65 3.48 -0.30
N SER B 168 8.49 2.90 -1.18
CA SER B 168 8.49 1.47 -1.50
C SER B 168 9.84 0.75 -1.29
N LYS B 169 9.81 -0.40 -0.62
CA LYS B 169 10.99 -1.22 -0.34
C LYS B 169 11.76 -1.57 -1.59
N GLN B 170 13.03 -1.19 -1.62
CA GLN B 170 13.85 -1.51 -2.78
C GLN B 170 14.32 -2.96 -2.73
N SER B 171 15.28 -3.29 -3.60
CA SER B 171 15.82 -4.64 -3.67
C SER B 171 16.72 -4.84 -2.46
N ASN B 172 17.62 -3.89 -2.24
CA ASN B 172 18.54 -3.96 -1.10
C ASN B 172 17.91 -3.48 0.21
N ASN B 173 16.64 -3.79 0.40
CA ASN B 173 15.90 -3.41 1.60
C ASN B 173 15.81 -1.93 1.97
N LYS B 174 16.34 -1.03 1.13
CA LYS B 174 16.22 0.40 1.43
C LYS B 174 14.87 0.86 0.88
N TYR B 175 14.64 2.16 0.81
CA TYR B 175 13.36 2.62 0.27
C TYR B 175 13.45 3.56 -0.92
N MET B 176 12.40 3.57 -1.73
CA MET B 176 12.33 4.39 -2.92
C MET B 176 10.93 4.96 -3.09
N ALA B 177 10.85 6.16 -3.66
CA ALA B 177 9.58 6.84 -3.88
C ALA B 177 9.79 7.93 -4.92
N SER B 178 8.70 8.55 -5.37
CA SER B 178 8.77 9.60 -6.37
C SER B 178 7.68 10.66 -6.19
N SER B 179 7.98 11.89 -6.60
CA SER B 179 7.02 12.99 -6.52
C SER B 179 6.89 13.59 -7.90
N TYR B 180 5.75 14.21 -8.20
CA TYR B 180 5.52 14.83 -9.52
C TYR B 180 4.92 16.23 -9.40
N LEU B 181 5.34 17.15 -10.27
CA LEU B 181 4.80 18.51 -10.28
C LEU B 181 4.33 18.76 -11.70
N THR B 182 3.01 18.92 -11.88
CA THR B 182 2.42 19.14 -13.19
C THR B 182 1.95 20.57 -13.43
N LEU B 183 2.57 21.23 -14.41
CA LEU B 183 2.21 22.61 -14.76
C LEU B 183 1.75 22.64 -16.21
N THR B 184 1.10 23.73 -16.62
CA THR B 184 0.71 23.82 -18.03
C THR B 184 2.05 24.09 -18.70
N ALA B 185 2.17 23.79 -19.99
CA ALA B 185 3.42 24.07 -20.67
C ALA B 185 3.62 25.57 -20.53
N ALA B 186 2.55 26.32 -20.78
CA ALA B 186 2.61 27.77 -20.67
C ALA B 186 3.23 28.09 -19.31
N ALA B 187 2.47 27.87 -18.24
CA ALA B 187 2.94 28.16 -16.88
C ALA B 187 4.43 27.87 -16.62
N TRP B 188 4.99 26.89 -17.33
CA TRP B 188 6.40 26.50 -17.16
C TRP B 188 7.38 27.42 -17.89
N GLU B 189 6.82 28.26 -18.77
CA GLU B 189 7.60 29.22 -19.54
C GLU B 189 7.86 30.44 -18.65
N ARG B 190 6.88 30.80 -17.83
CA ARG B 190 6.98 31.95 -16.96
C ARG B 190 8.11 31.95 -15.92
N HIS B 191 8.17 30.91 -15.10
CA HIS B 191 9.18 30.80 -14.03
C HIS B 191 10.57 30.36 -14.46
N SER B 192 11.53 30.50 -13.56
CA SER B 192 12.92 30.16 -13.87
C SER B 192 13.63 29.14 -12.97
N SER B 193 13.27 29.12 -11.69
CA SER B 193 13.88 28.20 -10.72
C SER B 193 12.93 27.06 -10.38
N TYR B 194 13.45 25.84 -10.34
CA TYR B 194 12.66 24.67 -10.02
C TYR B 194 13.47 23.74 -9.13
N SER B 195 13.03 23.52 -7.90
CA SER B 195 13.78 22.63 -7.02
C SER B 195 12.93 21.69 -6.17
N CYS B 196 13.41 20.47 -6.04
CA CYS B 196 12.72 19.46 -5.27
C CYS B 196 13.46 19.26 -3.96
N GLN B 197 12.81 19.61 -2.85
CA GLN B 197 13.41 19.48 -1.52
C GLN B 197 12.94 18.18 -0.85
N VAL B 198 13.88 17.34 -0.45
CA VAL B 198 13.52 16.08 0.19
C VAL B 198 14.03 16.07 1.63
N THR B 199 13.11 15.95 2.59
CA THR B 199 13.49 15.91 4.00
C THR B 199 13.36 14.51 4.60
N HIS B 200 14.49 14.02 5.08
CA HIS B 200 14.61 12.68 5.66
C HIS B 200 15.32 12.77 7.01
N GLU B 201 14.60 12.42 8.07
CA GLU B 201 15.13 12.42 9.43
C GLU B 201 15.79 13.75 9.83
N GLY B 202 15.07 14.85 9.63
CA GLY B 202 15.58 16.15 10.00
C GLY B 202 16.61 16.80 9.09
N HIS B 203 17.00 16.10 8.01
CA HIS B 203 17.99 16.61 7.06
C HIS B 203 17.42 16.83 5.65
N THR B 204 17.53 18.06 5.14
CA THR B 204 17.00 18.41 3.83
C THR B 204 17.99 18.37 2.65
N VAL B 205 17.60 17.66 1.60
CA VAL B 205 18.40 17.52 0.38
C VAL B 205 17.67 18.20 -0.77
N GLU B 206 18.37 19.04 -1.50
CA GLU B 206 17.75 19.76 -2.60
C GLU B 206 18.31 19.41 -3.98
N LYS B 207 17.52 19.70 -5.00
CA LYS B 207 17.91 19.49 -6.39
C LYS B 207 17.22 20.56 -7.20
N SER B 208 18.01 21.48 -7.73
CA SER B 208 17.47 22.58 -8.51
C SER B 208 17.78 22.37 -9.97
N LEU B 209 17.23 23.24 -10.82
CA LEU B 209 17.47 23.20 -12.25
C LEU B 209 16.86 24.46 -12.82
N SER B 210 17.68 25.21 -13.56
CA SER B 210 17.24 26.45 -14.18
C SER B 210 16.84 26.19 -15.64
N ARG B 211 15.67 26.68 -16.04
CA ARG B 211 15.19 26.52 -17.42
C ARG B 211 15.93 27.46 -18.38
N ASP C 2 -13.54 -16.60 26.79
CA ASP C 2 -13.09 -16.66 28.20
C ASP C 2 -13.76 -15.58 29.08
N PRO C 3 -14.24 -14.46 28.47
CA PRO C 3 -14.88 -13.41 29.28
C PRO C 3 -16.41 -13.27 29.09
N ARG C 4 -16.91 -13.64 27.90
CA ARG C 4 -18.36 -13.63 27.54
C ARG C 4 -18.83 -13.07 26.15
N PRO C 5 -18.42 -11.82 25.76
CA PRO C 5 -18.79 -11.15 24.49
C PRO C 5 -18.56 -11.69 23.05
N SER C 6 -17.31 -11.92 22.65
CA SER C 6 -17.00 -12.38 21.27
C SER C 6 -17.95 -13.36 20.64
N TYR C 7 -18.49 -14.29 21.41
CA TYR C 7 -19.40 -15.25 20.82
C TYR C 7 -20.82 -14.72 20.57
N ILE C 8 -21.78 -15.65 20.50
CA ILE C 8 -23.15 -15.29 20.21
C ILE C 8 -23.31 -15.85 18.81
N SER C 9 -22.65 -17.00 18.63
CA SER C 9 -22.58 -17.82 17.39
C SER C 9 -22.93 -17.20 16.03
N HIS C 10 -23.43 -18.05 15.13
CA HIS C 10 -23.82 -17.67 13.77
C HIS C 10 -22.61 -17.13 12.98
N LEU C 11 -22.17 -17.87 12.07
#